data_5CBR
#
_entry.id   5CBR
#
_cell.length_a   60.130
_cell.length_b   95.780
_cell.length_c   49.420
_cell.angle_alpha   90.000
_cell.angle_beta   90.000
_cell.angle_gamma   90.000
#
_symmetry.space_group_name_H-M   'P 21 21 2'
#
loop_
_entity.id
_entity.type
_entity.pdbx_description
1 polymer 'Glutamate receptor 2,Glutamate receptor 2'
2 non-polymer 3,4-dichloro-5-(5-hydroxypyridin-3-yl)-L-phenylalanine
3 non-polymer GLYCEROL
4 non-polymer 'SULFATE ION'
5 non-polymer 'ACETATE ION'
6 water water
#
_entity_poly.entity_id   1
_entity_poly.type   'polypeptide(L)'
_entity_poly.pdbx_seq_one_letter_code
;GANKTVVVTTILESPYVMMKKNHEMLEGNERYEGYCVDLAAEIAKHCGFKYKLTIVGDGKYGARDADTKIWNGMVGELVY
GKADIAIAPLTITLVREEVIDFSKPFMSLGISIMIKKGTPIESAEDLSKQTEIAYGTLDSGSTKEFFRRSKIAVFDKMWT
YMRSAEPSVFVRTTAEGVARVRKSKGKYAYLLESTMNEYIEQRKPCDTMKVGGNLDSKGYGIATPKGSSLGNAVNLAVLK
LNEQGLLDKLKNKWWYDKGECGSG
;
_entity_poly.pdbx_strand_id   A
#
loop_
_chem_comp.id
_chem_comp.type
_chem_comp.name
_chem_comp.formula
4ZK non-polymer 3,4-dichloro-5-(5-hydroxypyridin-3-yl)-L-phenylalanine 'C14 H12 Cl2 N2 O3'
ACT non-polymer 'ACETATE ION' 'C2 H3 O2 -1'
GOL non-polymer GLYCEROL 'C3 H8 O3'
SO4 non-polymer 'SULFATE ION' 'O4 S -2'
#
# COMPACT_ATOMS: atom_id res chain seq x y z
N LYS A 4 23.13 2.15 -17.52
CA LYS A 4 22.65 0.78 -17.72
C LYS A 4 22.05 0.17 -16.45
N THR A 5 22.49 0.63 -15.27
CA THR A 5 21.91 0.16 -14.02
C THR A 5 20.54 0.82 -13.81
N VAL A 6 19.49 0.00 -13.69
CA VAL A 6 18.12 0.52 -13.57
C VAL A 6 17.89 1.15 -12.20
N VAL A 7 17.40 2.39 -12.21
CA VAL A 7 17.08 3.09 -10.96
C VAL A 7 15.66 2.79 -10.53
N VAL A 8 15.54 1.99 -9.48
CA VAL A 8 14.23 1.63 -8.93
C VAL A 8 13.89 2.56 -7.77
N THR A 9 12.73 3.22 -7.84
CA THR A 9 12.26 3.94 -6.68
C THR A 9 11.26 3.06 -5.92
N THR A 10 11.31 3.11 -4.59
CA THR A 10 10.39 2.36 -3.76
C THR A 10 10.24 3.11 -2.45
N ILE A 11 9.57 2.49 -1.49
CA ILE A 11 9.25 3.18 -0.25
C ILE A 11 9.30 2.19 0.91
N LEU A 12 9.69 2.64 2.09
CA LEU A 12 9.74 1.72 3.24
C LEU A 12 8.32 1.52 3.78
N GLU A 13 7.83 0.29 3.67
CA GLU A 13 6.47 -0.08 4.03
C GLU A 13 6.39 -1.58 4.23
N SER A 14 6.19 -2.02 5.46
CA SER A 14 6.17 -3.46 5.76
C SER A 14 4.91 -4.12 5.21
N PRO A 15 5.04 -5.36 4.71
CA PRO A 15 6.30 -6.09 4.57
C PRO A 15 6.80 -6.04 3.13
N TYR A 16 6.50 -4.95 2.43
CA TYR A 16 6.91 -4.81 1.04
C TYR A 16 8.39 -4.49 0.92
N VAL A 17 8.84 -3.50 1.69
CA VAL A 17 10.26 -3.15 1.75
C VAL A 17 10.56 -2.69 3.16
N MET A 18 11.51 -3.36 3.81
CA MET A 18 11.94 -2.99 5.15
C MET A 18 13.46 -3.03 5.16
N MET A 19 14.08 -2.29 6.08
CA MET A 19 15.51 -2.42 6.27
C MET A 19 15.77 -3.62 7.18
N LYS A 20 16.73 -4.46 6.81
CA LYS A 20 17.09 -5.59 7.65
C LYS A 20 17.63 -5.08 8.97
N LYS A 21 17.40 -5.83 10.03
CA LYS A 21 17.74 -5.38 11.39
C LYS A 21 19.22 -5.01 11.51
N ASN A 22 20.05 -5.65 10.69
CA ASN A 22 21.48 -5.39 10.72
C ASN A 22 21.97 -4.59 9.51
N HIS A 23 21.08 -3.75 8.95
CA HIS A 23 21.36 -3.06 7.68
C HIS A 23 22.66 -2.28 7.63
N GLU A 24 23.00 -1.59 8.72
CA GLU A 24 24.20 -0.74 8.72
C GLU A 24 25.51 -1.52 8.59
N MET A 25 25.42 -2.83 8.72
CA MET A 25 26.54 -3.73 8.47
C MET A 25 26.60 -4.16 7.00
N LEU A 26 25.57 -3.79 6.23
CA LEU A 26 25.41 -4.30 4.87
C LEU A 26 25.52 -3.17 3.84
N GLU A 27 25.44 -3.53 2.56
CA GLU A 27 25.60 -2.57 1.48
C GLU A 27 24.63 -2.81 0.32
N GLY A 28 24.23 -1.74 -0.36
CA GLY A 28 23.42 -1.82 -1.57
C GLY A 28 22.05 -2.43 -1.38
N ASN A 29 21.59 -3.16 -2.39
CA ASN A 29 20.27 -3.79 -2.32
C ASN A 29 20.12 -4.73 -1.12
N GLU A 30 21.23 -5.29 -0.64
CA GLU A 30 21.20 -6.27 0.44
C GLU A 30 20.78 -5.68 1.77
N ARG A 31 20.75 -4.36 1.86
CA ARG A 31 20.24 -3.70 3.06
C ARG A 31 18.76 -3.97 3.29
N TYR A 32 18.01 -4.27 2.22
CA TYR A 32 16.57 -4.36 2.32
C TYR A 32 16.03 -5.78 2.14
N GLU A 33 14.82 -5.99 2.65
CA GLU A 33 14.15 -7.26 2.49
C GLU A 33 12.65 -6.98 2.35
N GLY A 34 11.91 -7.94 1.81
CA GLY A 34 10.48 -7.79 1.75
C GLY A 34 9.90 -8.28 0.44
N TYR A 35 8.58 -8.28 0.37
CA TYR A 35 7.84 -8.72 -0.81
C TYR A 35 8.35 -8.04 -2.07
N CYS A 36 8.39 -6.71 -2.06
CA CYS A 36 8.79 -5.96 -3.25
C CYS A 36 10.30 -6.10 -3.51
N VAL A 37 11.06 -6.37 -2.45
CA VAL A 37 12.50 -6.61 -2.63
C VAL A 37 12.69 -7.89 -3.43
N ASP A 38 12.01 -8.95 -3.02
CA ASP A 38 12.02 -10.21 -3.75
C ASP A 38 11.43 -10.06 -5.15
N LEU A 39 10.33 -9.31 -5.27
CA LEU A 39 9.71 -9.13 -6.57
C LEU A 39 10.66 -8.41 -7.55
N ALA A 40 11.35 -7.39 -7.08
CA ALA A 40 12.31 -6.66 -7.92
C ALA A 40 13.43 -7.58 -8.41
N ALA A 41 13.91 -8.44 -7.51
CA ALA A 41 14.97 -9.37 -7.84
C ALA A 41 14.51 -10.39 -8.88
N GLU A 42 13.28 -10.89 -8.71
CA GLU A 42 12.71 -11.84 -9.67
C GLU A 42 12.49 -11.20 -11.05
N ILE A 43 11.99 -9.98 -11.08
CA ILE A 43 11.85 -9.25 -12.35
C ILE A 43 13.20 -9.00 -13.03
N ALA A 44 14.19 -8.52 -12.28
CA ALA A 44 15.48 -8.20 -12.86
C ALA A 44 16.15 -9.48 -13.40
N LYS A 45 16.01 -10.55 -12.64
CA LYS A 45 16.56 -11.85 -13.03
C LYS A 45 15.97 -12.30 -14.37
N HIS A 46 14.65 -12.26 -14.48
CA HIS A 46 14.01 -12.67 -15.73
CA HIS A 46 13.99 -12.66 -15.72
C HIS A 46 14.32 -11.73 -16.89
N CYS A 47 14.42 -10.43 -16.61
CA CYS A 47 14.65 -9.44 -17.65
C CYS A 47 16.13 -9.23 -17.94
N GLY A 48 16.99 -9.72 -17.06
CA GLY A 48 18.42 -9.59 -17.26
C GLY A 48 18.95 -8.17 -17.21
N PHE A 49 18.57 -7.40 -16.19
CA PHE A 49 19.19 -6.10 -15.95
C PHE A 49 19.71 -5.95 -14.54
N LYS A 50 20.63 -5.02 -14.36
CA LYS A 50 21.15 -4.65 -13.05
C LYS A 50 20.31 -3.48 -12.54
N TYR A 51 20.17 -3.36 -11.23
CA TYR A 51 19.31 -2.32 -10.66
C TYR A 51 19.75 -1.87 -9.28
N LYS A 52 19.30 -0.67 -8.91
CA LYS A 52 19.60 -0.12 -7.59
C LYS A 52 18.32 0.31 -6.92
N LEU A 53 18.06 -0.23 -5.73
CA LEU A 53 16.92 0.18 -4.93
C LEU A 53 17.22 1.52 -4.26
N THR A 54 16.35 2.51 -4.50
CA THR A 54 16.47 3.81 -3.87
C THR A 54 15.14 4.14 -3.20
N ILE A 55 15.18 4.92 -2.12
CA ILE A 55 13.95 5.22 -1.39
C ILE A 55 13.43 6.60 -1.76
N VAL A 56 12.16 6.67 -2.12
CA VAL A 56 11.54 7.93 -2.55
C VAL A 56 11.74 9.05 -1.52
N GLY A 57 12.32 10.16 -1.97
CA GLY A 57 12.76 11.21 -1.07
C GLY A 57 11.69 11.83 -0.20
N ASP A 58 10.48 12.00 -0.73
CA ASP A 58 9.42 12.67 0.04
C ASP A 58 8.48 11.72 0.79
N GLY A 59 8.76 10.42 0.69
CA GLY A 59 7.93 9.41 1.34
C GLY A 59 6.47 9.36 0.91
N LYS A 60 6.17 9.75 -0.32
CA LYS A 60 4.81 9.73 -0.84
C LYS A 60 4.67 8.71 -1.98
N TYR A 61 3.45 8.26 -2.23
CA TYR A 61 3.17 7.36 -3.34
C TYR A 61 3.05 8.12 -4.68
N GLY A 62 2.24 9.17 -4.72
CA GLY A 62 2.07 9.95 -5.93
C GLY A 62 0.73 10.65 -6.04
N ALA A 63 0.77 11.97 -5.94
CA ALA A 63 -0.42 12.81 -6.10
C ALA A 63 -0.01 14.14 -6.72
N ARG A 64 -0.95 14.77 -7.42
CA ARG A 64 -0.62 16.02 -8.06
C ARG A 64 -1.10 17.18 -7.19
N ASP A 65 -0.19 18.09 -6.86
CA ASP A 65 -0.58 19.25 -6.06
C ASP A 65 -1.51 20.15 -6.89
N ALA A 66 -2.68 20.44 -6.34
CA ALA A 66 -3.67 21.27 -7.03
C ALA A 66 -3.10 22.64 -7.41
N ASP A 67 -2.34 23.24 -6.50
CA ASP A 67 -1.77 24.55 -6.76
C ASP A 67 -0.70 24.51 -7.86
N THR A 68 0.41 23.84 -7.58
CA THR A 68 1.56 23.83 -8.50
C THR A 68 1.41 22.90 -9.71
N LYS A 69 0.49 21.96 -9.64
CA LYS A 69 0.32 20.92 -10.66
C LYS A 69 1.55 20.00 -10.79
N ILE A 70 2.37 19.96 -9.75
CA ILE A 70 3.55 19.10 -9.72
C ILE A 70 3.23 17.79 -9.03
N TRP A 71 3.65 16.69 -9.63
CA TRP A 71 3.46 15.36 -9.06
C TRP A 71 4.50 15.07 -7.97
N ASN A 72 4.03 14.57 -6.82
CA ASN A 72 4.97 14.19 -5.76
C ASN A 72 5.17 12.67 -5.70
N GLY A 73 5.97 12.20 -4.74
CA GLY A 73 6.10 10.77 -4.50
C GLY A 73 6.78 10.00 -5.61
N MET A 74 6.58 8.68 -5.64
CA MET A 74 7.17 7.84 -6.67
C MET A 74 6.65 8.16 -8.07
N VAL A 75 5.39 8.55 -8.17
CA VAL A 75 4.81 8.93 -9.45
C VAL A 75 5.61 10.10 -10.03
N GLY A 76 5.86 11.10 -9.18
CA GLY A 76 6.67 12.26 -9.55
C GLY A 76 8.09 11.92 -9.95
N GLU A 77 8.73 11.00 -9.23
CA GLU A 77 10.09 10.60 -9.59
C GLU A 77 10.12 9.99 -11.00
N LEU A 78 9.04 9.31 -11.39
CA LEU A 78 8.95 8.76 -12.74
C LEU A 78 8.63 9.83 -13.78
N VAL A 79 7.66 10.68 -13.48
CA VAL A 79 7.21 11.72 -14.40
C VAL A 79 8.36 12.67 -14.76
N TYR A 80 9.16 13.02 -13.75
CA TYR A 80 10.23 13.99 -13.94
C TYR A 80 11.57 13.35 -14.26
N GLY A 81 11.59 12.04 -14.46
CA GLY A 81 12.80 11.33 -14.87
C GLY A 81 13.88 11.11 -13.82
N LYS A 82 13.49 11.05 -12.55
CA LYS A 82 14.43 10.78 -11.47
C LYS A 82 14.62 9.27 -11.23
N ALA A 83 13.73 8.47 -11.76
CA ALA A 83 13.83 7.02 -11.58
C ALA A 83 13.30 6.31 -12.81
N ASP A 84 13.71 5.07 -13.00
CA ASP A 84 13.37 4.33 -14.21
C ASP A 84 12.12 3.50 -14.02
N ILE A 85 11.87 3.11 -12.77
CA ILE A 85 10.77 2.21 -12.47
C ILE A 85 10.41 2.31 -10.99
N ALA A 86 9.14 2.09 -10.67
CA ALA A 86 8.71 2.06 -9.28
C ALA A 86 8.18 0.69 -8.96
N ILE A 87 8.71 0.09 -7.90
CA ILE A 87 8.24 -1.22 -7.47
C ILE A 87 7.84 -1.09 -5.99
N ALA A 88 6.54 -1.10 -5.75
CA ALA A 88 6.02 -0.71 -4.44
C ALA A 88 4.54 -1.04 -4.45
N PRO A 89 3.92 -1.06 -3.26
CA PRO A 89 2.46 -1.28 -3.24
C PRO A 89 1.75 -0.02 -3.68
N LEU A 90 1.89 0.28 -4.98
CA LEU A 90 1.42 1.50 -5.62
C LEU A 90 0.14 1.20 -6.41
N THR A 91 -0.98 1.76 -5.97
CA THR A 91 -2.27 1.49 -6.62
C THR A 91 -2.38 2.09 -8.02
N ILE A 92 -2.89 1.29 -8.96
CA ILE A 92 -3.20 1.75 -10.30
C ILE A 92 -4.49 2.59 -10.22
N THR A 93 -4.40 3.89 -10.48
CA THR A 93 -5.57 4.76 -10.41
C THR A 93 -5.72 5.53 -11.72
N LEU A 94 -6.91 6.05 -11.96
CA LEU A 94 -7.15 6.82 -13.18
C LEU A 94 -6.19 7.97 -13.33
N VAL A 95 -6.05 8.81 -12.29
CA VAL A 95 -5.22 10.01 -12.44
C VAL A 95 -3.75 9.69 -12.64
N ARG A 96 -3.28 8.61 -12.00
CA ARG A 96 -1.88 8.18 -12.22
C ARG A 96 -1.66 7.55 -13.59
N GLU A 97 -2.63 6.77 -14.06
CA GLU A 97 -2.54 6.11 -15.38
C GLU A 97 -2.38 7.12 -16.52
N GLU A 98 -2.91 8.33 -16.33
CA GLU A 98 -2.84 9.39 -17.35
C GLU A 98 -1.44 9.98 -17.49
N VAL A 99 -0.60 9.80 -16.47
CA VAL A 99 0.72 10.40 -16.50
C VAL A 99 1.89 9.42 -16.49
N ILE A 100 1.62 8.16 -16.12
CA ILE A 100 2.64 7.11 -16.18
C ILE A 100 2.06 5.80 -16.73
N ASP A 101 2.96 4.88 -17.08
CA ASP A 101 2.58 3.53 -17.45
C ASP A 101 2.55 2.60 -16.23
N PHE A 102 1.60 1.67 -16.21
CA PHE A 102 1.48 0.65 -15.15
C PHE A 102 1.48 -0.76 -15.74
N SER A 103 2.18 -1.71 -15.12
CA SER A 103 1.96 -3.12 -15.47
C SER A 103 0.51 -3.53 -15.11
N LYS A 104 0.06 -4.67 -15.63
CA LYS A 104 -1.12 -5.31 -15.07
C LYS A 104 -0.82 -5.60 -13.58
N PRO A 105 -1.86 -5.72 -12.74
CA PRO A 105 -1.63 -5.80 -11.29
C PRO A 105 -0.82 -7.02 -10.86
N PHE A 106 0.08 -6.86 -9.88
CA PHE A 106 0.78 -8.01 -9.29
C PHE A 106 0.10 -8.48 -8.00
N MET A 107 -0.84 -7.69 -7.51
CA MET A 107 -1.53 -8.03 -6.28
C MET A 107 -2.81 -7.24 -6.17
N SER A 108 -3.88 -7.89 -5.71
CA SER A 108 -5.19 -7.25 -5.55
C SER A 108 -5.43 -6.83 -4.11
N LEU A 109 -6.25 -5.80 -3.94
CA LEU A 109 -6.57 -5.32 -2.61
C LEU A 109 -7.84 -4.47 -2.64
N GLY A 110 -8.31 -4.10 -1.45
CA GLY A 110 -9.41 -3.16 -1.29
C GLY A 110 -9.30 -2.51 0.07
N ILE A 111 -9.90 -1.34 0.22
CA ILE A 111 -9.99 -0.70 1.51
C ILE A 111 -10.78 -1.60 2.46
N SER A 112 -10.36 -1.70 3.72
CA SER A 112 -11.01 -2.66 4.62
C SER A 112 -10.95 -2.20 6.06
N ILE A 113 -11.73 -2.85 6.92
CA ILE A 113 -11.86 -2.43 8.30
C ILE A 113 -11.00 -3.26 9.24
N MET A 114 -10.18 -2.58 10.04
CA MET A 114 -9.44 -3.22 11.13
C MET A 114 -10.07 -2.91 12.48
N ILE A 115 -10.39 -3.96 13.25
CA ILE A 115 -10.90 -3.76 14.61
C ILE A 115 -10.07 -4.48 15.67
N LYS A 116 -10.16 -3.98 16.90
CA LYS A 116 -9.67 -4.73 18.05
C LYS A 116 -10.64 -5.89 18.29
N LYS A 117 -10.09 -7.07 18.58
CA LYS A 117 -10.92 -8.25 18.80
C LYS A 117 -12.00 -7.94 19.82
N GLY A 118 -13.23 -8.31 19.49
CA GLY A 118 -14.34 -8.11 20.39
C GLY A 118 -15.20 -6.92 20.01
N THR A 119 -14.67 -6.03 19.18
CA THR A 119 -15.42 -4.87 18.75
C THR A 119 -16.63 -5.29 17.91
N PRO A 120 -17.84 -4.92 18.36
CA PRO A 120 -19.09 -5.32 17.70
C PRO A 120 -19.34 -4.61 16.36
N ILE A 121 -18.42 -4.78 15.41
CA ILE A 121 -18.56 -4.19 14.07
C ILE A 121 -18.29 -5.25 13.02
N GLU A 122 -19.14 -5.33 12.00
CA GLU A 122 -18.96 -6.35 10.95
C GLU A 122 -18.85 -5.78 9.53
N SER A 123 -19.22 -4.52 9.33
CA SER A 123 -19.23 -3.96 7.98
C SER A 123 -19.09 -2.44 8.01
N ALA A 124 -18.91 -1.87 6.81
CA ALA A 124 -18.85 -0.43 6.64
C ALA A 124 -20.20 0.19 7.04
N GLU A 125 -21.28 -0.44 6.60
CA GLU A 125 -22.63 0.01 6.96
C GLU A 125 -22.84 0.06 8.48
N ASP A 126 -22.34 -0.96 9.19
CA ASP A 126 -22.36 -0.96 10.65
C ASP A 126 -21.73 0.29 11.25
N LEU A 127 -20.48 0.55 10.86
CA LEU A 127 -19.78 1.74 11.33
C LEU A 127 -20.57 3.02 11.00
N SER A 128 -21.16 3.05 9.82
CA SER A 128 -21.83 4.27 9.34
C SER A 128 -23.07 4.64 10.15
N LYS A 129 -23.67 3.64 10.78
CA LYS A 129 -24.91 3.85 11.51
C LYS A 129 -24.71 4.08 13.01
N GLN A 130 -23.47 4.36 13.43
CA GLN A 130 -23.21 4.60 14.84
C GLN A 130 -22.03 5.56 15.07
N THR A 131 -21.82 5.93 16.33
CA THR A 131 -20.74 6.84 16.69
C THR A 131 -20.03 6.43 17.98
N GLU A 132 -20.53 5.37 18.63
CA GLU A 132 -19.94 4.94 19.89
C GLU A 132 -18.53 4.43 19.62
N ILE A 133 -18.38 3.67 18.54
CA ILE A 133 -17.06 3.22 18.10
C ILE A 133 -16.54 4.20 17.05
N ALA A 134 -15.58 5.03 17.46
CA ALA A 134 -15.02 5.98 16.54
C ALA A 134 -14.27 5.23 15.45
N TYR A 135 -14.17 5.83 14.28
CA TYR A 135 -13.45 5.19 13.19
C TYR A 135 -12.79 6.23 12.29
N GLY A 136 -11.60 5.93 11.80
CA GLY A 136 -10.89 6.88 10.98
C GLY A 136 -9.86 6.21 10.10
N THR A 137 -8.91 7.00 9.62
CA THR A 137 -7.90 6.50 8.70
C THR A 137 -6.70 7.42 8.71
N LEU A 138 -5.78 7.22 7.76
CA LEU A 138 -4.62 8.08 7.61
C LEU A 138 -5.05 9.52 7.35
N ASP A 139 -4.31 10.47 7.91
CA ASP A 139 -4.62 11.89 7.73
C ASP A 139 -4.24 12.42 6.35
N SER A 140 -3.77 11.54 5.48
CA SER A 140 -3.49 11.91 4.09
C SER A 140 -3.48 10.65 3.24
N GLY A 141 -3.25 10.79 1.95
CA GLY A 141 -3.10 9.62 1.10
C GLY A 141 -4.41 9.09 0.53
N SER A 142 -4.34 7.89 -0.02
CA SER A 142 -5.41 7.37 -0.88
C SER A 142 -6.72 6.98 -0.19
N THR A 143 -6.66 6.48 1.04
CA THR A 143 -7.91 6.05 1.68
C THR A 143 -8.75 7.24 2.05
N LYS A 144 -8.09 8.27 2.59
CA LYS A 144 -8.78 9.50 2.94
C LYS A 144 -9.38 10.15 1.69
N GLU A 145 -8.62 10.14 0.59
CA GLU A 145 -9.12 10.66 -0.68
C GLU A 145 -10.29 9.82 -1.22
N PHE A 146 -10.23 8.51 -1.02
CA PHE A 146 -11.32 7.65 -1.47
C PHE A 146 -12.64 8.10 -0.83
N PHE A 147 -12.62 8.32 0.49
CA PHE A 147 -13.82 8.76 1.21
C PHE A 147 -14.24 10.18 0.83
N ARG A 148 -13.26 11.06 0.71
CA ARG A 148 -13.52 12.47 0.36
C ARG A 148 -14.25 12.57 -0.96
N ARG A 149 -13.90 11.70 -1.90
CA ARG A 149 -14.44 11.78 -3.26
C ARG A 149 -15.64 10.89 -3.55
N SER A 150 -15.96 9.95 -2.65
CA SER A 150 -16.98 8.95 -2.96
C SER A 150 -18.39 9.52 -3.07
N LYS A 151 -19.11 9.06 -4.10
CA LYS A 151 -20.51 9.42 -4.29
C LYS A 151 -21.45 8.34 -3.76
N ILE A 152 -20.89 7.26 -3.22
CA ILE A 152 -21.68 6.18 -2.62
C ILE A 152 -22.20 6.61 -1.25
N ALA A 153 -23.51 6.47 -1.05
CA ALA A 153 -24.20 6.94 0.16
C ALA A 153 -23.52 6.58 1.49
N VAL A 154 -23.23 5.29 1.68
CA VAL A 154 -22.62 4.86 2.94
C VAL A 154 -21.24 5.49 3.13
N PHE A 155 -20.46 5.57 2.06
CA PHE A 155 -19.10 6.07 2.20
C PHE A 155 -19.11 7.59 2.39
N ASP A 156 -20.05 8.27 1.73
CA ASP A 156 -20.26 9.70 1.92
C ASP A 156 -20.66 10.00 3.36
N LYS A 157 -21.53 9.17 3.93
CA LYS A 157 -21.90 9.33 5.33
C LYS A 157 -20.67 9.12 6.24
N MET A 158 -19.89 8.11 5.92
CA MET A 158 -18.68 7.84 6.67
C MET A 158 -17.70 9.01 6.60
N TRP A 159 -17.57 9.61 5.42
CA TRP A 159 -16.68 10.74 5.28
C TRP A 159 -17.13 11.94 6.11
N THR A 160 -18.40 12.28 6.00
CA THR A 160 -18.97 13.39 6.76
C THR A 160 -18.73 13.20 8.26
N TYR A 161 -18.91 11.98 8.74
CA TYR A 161 -18.62 11.69 10.15
C TYR A 161 -17.13 11.92 10.49
N MET A 162 -16.23 11.36 9.69
CA MET A 162 -14.81 11.41 10.00
C MET A 162 -14.27 12.82 10.00
N ARG A 163 -14.66 13.58 8.99
CA ARG A 163 -14.17 14.94 8.87
C ARG A 163 -14.63 15.80 10.06
N SER A 164 -15.79 15.49 10.62
CA SER A 164 -16.35 16.30 11.69
C SER A 164 -16.17 15.75 13.11
N ALA A 165 -15.62 14.54 13.24
CA ALA A 165 -15.57 13.86 14.53
C ALA A 165 -14.53 14.45 15.47
N GLU A 166 -14.88 14.55 16.74
CA GLU A 166 -13.95 15.09 17.75
C GLU A 166 -13.87 14.13 18.93
N PRO A 167 -12.65 13.85 19.43
CA PRO A 167 -11.35 14.28 18.89
C PRO A 167 -11.04 13.66 17.53
N SER A 168 -10.07 14.22 16.82
CA SER A 168 -9.74 13.76 15.47
C SER A 168 -9.61 12.25 15.38
N VAL A 169 -10.34 11.66 14.43
CA VAL A 169 -10.26 10.23 14.17
C VAL A 169 -9.14 9.87 13.19
N PHE A 170 -8.44 10.88 12.70
CA PHE A 170 -7.33 10.64 11.77
C PHE A 170 -6.00 10.48 12.49
N VAL A 171 -5.07 9.77 11.85
CA VAL A 171 -3.73 9.57 12.41
C VAL A 171 -2.68 9.89 11.36
N ARG A 172 -1.44 10.07 11.81
CA ARG A 172 -0.37 10.47 10.89
C ARG A 172 0.27 9.28 10.20
N THR A 173 0.35 8.15 10.91
CA THR A 173 0.98 6.97 10.34
C THR A 173 0.14 5.74 10.61
N THR A 174 0.37 4.70 9.82
CA THR A 174 -0.29 3.42 10.01
C THR A 174 0.03 2.82 11.38
N ALA A 175 1.28 2.93 11.83
CA ALA A 175 1.64 2.44 13.16
C ALA A 175 0.79 3.14 14.23
N GLU A 176 0.59 4.45 14.06
CA GLU A 176 -0.20 5.22 15.02
C GLU A 176 -1.67 4.77 14.97
N GLY A 177 -2.16 4.50 13.76
CA GLY A 177 -3.49 3.95 13.59
C GLY A 177 -3.70 2.61 14.28
N VAL A 178 -2.76 1.68 14.08
CA VAL A 178 -2.85 0.36 14.69
C VAL A 178 -2.67 0.43 16.21
N ALA A 179 -1.76 1.28 16.66
CA ALA A 179 -1.60 1.51 18.09
C ALA A 179 -2.89 2.07 18.70
N ARG A 180 -3.53 2.98 17.98
CA ARG A 180 -4.79 3.54 18.44
C ARG A 180 -5.89 2.47 18.54
N VAL A 181 -5.94 1.54 17.59
CA VAL A 181 -6.91 0.45 17.68
C VAL A 181 -6.67 -0.34 18.96
N ARG A 182 -5.40 -0.70 19.18
CA ARG A 182 -5.03 -1.56 20.29
C ARG A 182 -5.24 -0.95 21.67
N LYS A 183 -5.08 0.37 21.77
CA LYS A 183 -5.23 1.06 23.06
C LYS A 183 -6.64 1.59 23.38
N SER A 184 -7.53 1.61 22.40
CA SER A 184 -8.80 2.30 22.59
C SER A 184 -9.93 1.43 23.14
N LYS A 185 -9.58 0.21 23.54
CA LYS A 185 -10.50 -0.66 24.27
C LYS A 185 -11.80 -0.94 23.48
N GLY A 186 -11.65 -1.10 22.17
CA GLY A 186 -12.79 -1.34 21.30
C GLY A 186 -13.54 -0.10 20.82
N LYS A 187 -13.05 1.08 21.21
CA LYS A 187 -13.72 2.35 20.89
C LYS A 187 -13.12 3.04 19.66
N TYR A 188 -12.21 2.38 18.96
CA TYR A 188 -11.67 2.90 17.70
C TYR A 188 -11.48 1.81 16.66
N ALA A 189 -11.97 2.05 15.45
CA ALA A 189 -11.75 1.13 14.33
C ALA A 189 -11.02 1.87 13.21
N TYR A 190 -10.25 1.14 12.40
CA TYR A 190 -9.33 1.77 11.43
C TYR A 190 -9.51 1.29 9.99
N LEU A 191 -9.49 2.23 9.05
CA LEU A 191 -9.67 1.89 7.63
C LEU A 191 -8.34 1.94 6.86
N LEU A 192 -7.93 0.80 6.30
CA LEU A 192 -6.67 0.66 5.58
C LEU A 192 -6.76 -0.44 4.51
N GLU A 193 -5.74 -0.56 3.67
CA GLU A 193 -5.80 -1.54 2.59
C GLU A 193 -5.73 -2.97 3.11
N SER A 194 -6.50 -3.88 2.49
CA SER A 194 -6.72 -5.24 2.98
C SER A 194 -5.43 -6.04 3.12
N THR A 195 -4.49 -5.79 2.22
CA THR A 195 -3.16 -6.40 2.24
C THR A 195 -2.47 -6.18 3.59
N MET A 196 -2.38 -4.92 4.00
CA MET A 196 -1.78 -4.57 5.28
C MET A 196 -2.62 -5.06 6.47
N ASN A 197 -3.94 -5.00 6.33
CA ASN A 197 -4.83 -5.48 7.37
C ASN A 197 -4.53 -6.95 7.67
N GLU A 198 -4.51 -7.76 6.60
CA GLU A 198 -4.21 -9.19 6.70
C GLU A 198 -2.83 -9.49 7.28
N TYR A 199 -1.85 -8.66 6.93
CA TYR A 199 -0.49 -8.83 7.43
C TYR A 199 -0.46 -8.65 8.95
N ILE A 200 -1.09 -7.59 9.42
CA ILE A 200 -1.10 -7.25 10.84
C ILE A 200 -1.88 -8.27 11.67
N GLU A 201 -2.90 -8.84 11.05
CA GLU A 201 -3.71 -9.87 11.70
C GLU A 201 -2.86 -11.07 12.07
N GLN A 202 -1.78 -11.30 11.32
CA GLN A 202 -0.90 -12.45 11.56
C GLN A 202 0.34 -12.15 12.39
N ARG A 203 0.34 -11.01 13.07
CA ARG A 203 1.47 -10.63 13.90
C ARG A 203 1.05 -10.37 15.35
N LYS A 204 1.95 -10.64 16.29
CA LYS A 204 1.70 -10.37 17.71
C LYS A 204 1.44 -8.89 17.96
N PRO A 205 0.58 -8.57 18.95
CA PRO A 205 -0.05 -9.44 19.94
C PRO A 205 -1.34 -10.12 19.48
N CYS A 206 -1.57 -10.26 18.17
CA CYS A 206 -2.74 -10.99 17.66
C CYS A 206 -4.05 -10.47 18.26
N ASP A 207 -4.20 -9.15 18.37
CA ASP A 207 -5.40 -8.62 18.99
C ASP A 207 -6.28 -7.80 18.02
N THR A 208 -5.90 -7.81 16.74
CA THR A 208 -6.68 -7.12 15.70
C THR A 208 -7.26 -8.12 14.72
N MET A 209 -8.29 -7.70 13.99
CA MET A 209 -8.94 -8.54 13.00
C MET A 209 -9.46 -7.72 11.83
N LYS A 210 -9.37 -8.27 10.62
CA LYS A 210 -10.03 -7.71 9.45
C LYS A 210 -11.47 -8.19 9.41
N VAL A 211 -12.43 -7.27 9.33
CA VAL A 211 -13.84 -7.66 9.27
C VAL A 211 -14.53 -7.10 8.04
N GLY A 212 -15.53 -7.84 7.55
CA GLY A 212 -16.39 -7.38 6.48
C GLY A 212 -15.75 -7.46 5.12
N GLY A 213 -16.54 -7.25 4.08
CA GLY A 213 -15.99 -7.25 2.73
C GLY A 213 -15.20 -5.98 2.51
N ASN A 214 -14.39 -5.98 1.46
CA ASN A 214 -13.65 -4.78 1.12
C ASN A 214 -14.61 -3.70 0.63
N LEU A 215 -14.24 -2.44 0.77
CA LEU A 215 -15.10 -1.33 0.37
C LEU A 215 -14.91 -0.99 -1.11
N ASP A 216 -13.75 -1.30 -1.66
CA ASP A 216 -13.52 -1.14 -3.10
C ASP A 216 -12.67 -2.30 -3.61
N SER A 217 -12.30 -2.24 -4.88
CA SER A 217 -11.51 -3.31 -5.48
C SER A 217 -10.51 -2.67 -6.42
N LYS A 218 -9.22 -2.95 -6.21
CA LYS A 218 -8.16 -2.33 -7.01
C LYS A 218 -6.89 -3.18 -7.00
N GLY A 219 -5.86 -2.74 -7.73
CA GLY A 219 -4.62 -3.48 -7.78
C GLY A 219 -3.35 -2.63 -7.67
N TYR A 220 -2.27 -3.24 -7.19
CA TYR A 220 -0.95 -2.60 -7.20
C TYR A 220 -0.29 -2.92 -8.52
N GLY A 221 0.37 -1.93 -9.12
CA GLY A 221 1.06 -2.15 -10.39
C GLY A 221 2.49 -1.67 -10.35
N ILE A 222 3.35 -2.27 -11.18
CA ILE A 222 4.71 -1.75 -11.36
C ILE A 222 4.61 -0.54 -12.29
N ALA A 223 5.27 0.55 -11.95
CA ALA A 223 5.13 1.80 -12.73
C ALA A 223 6.39 2.23 -13.45
N THR A 224 6.22 2.79 -14.65
CA THR A 224 7.34 3.35 -15.42
C THR A 224 6.94 4.66 -16.09
N PRO A 225 7.93 5.48 -16.52
CA PRO A 225 7.57 6.70 -17.25
C PRO A 225 6.76 6.36 -18.51
N LYS A 226 5.84 7.22 -18.91
CA LYS A 226 5.05 6.96 -20.11
C LYS A 226 5.94 6.63 -21.31
N GLY A 227 5.60 5.58 -22.03
CA GLY A 227 6.31 5.22 -23.25
C GLY A 227 7.61 4.46 -23.04
N SER A 228 7.95 4.19 -21.78
CA SER A 228 9.18 3.48 -21.44
C SER A 228 9.23 2.08 -22.06
N SER A 229 10.35 1.76 -22.71
CA SER A 229 10.52 0.43 -23.29
C SER A 229 10.71 -0.63 -22.21
N LEU A 230 11.27 -0.22 -21.09
CA LEU A 230 11.40 -1.11 -19.93
C LEU A 230 10.02 -1.53 -19.44
N GLY A 231 9.05 -0.63 -19.54
CA GLY A 231 7.69 -0.89 -19.09
C GLY A 231 7.01 -2.08 -19.75
N ASN A 232 7.08 -2.17 -21.07
CA ASN A 232 6.52 -3.33 -21.78
C ASN A 232 7.09 -4.64 -21.30
N ALA A 233 8.42 -4.68 -21.13
CA ALA A 233 9.11 -5.89 -20.74
C ALA A 233 8.76 -6.35 -19.34
N VAL A 234 8.75 -5.40 -18.41
CA VAL A 234 8.47 -5.73 -17.02
C VAL A 234 7.03 -6.23 -16.85
N ASN A 235 6.11 -5.64 -17.62
CA ASN A 235 4.72 -6.10 -17.63
C ASN A 235 4.61 -7.57 -18.06
N LEU A 236 5.30 -7.95 -19.12
CA LEU A 236 5.35 -9.35 -19.54
C LEU A 236 5.95 -10.22 -18.44
N ALA A 237 6.99 -9.70 -17.78
CA ALA A 237 7.58 -10.44 -16.66
C ALA A 237 6.59 -10.67 -15.52
N VAL A 238 5.78 -9.66 -15.21
CA VAL A 238 4.82 -9.79 -14.11
C VAL A 238 3.77 -10.85 -14.45
N LEU A 239 3.34 -10.85 -15.71
CA LEU A 239 2.41 -11.85 -16.21
C LEU A 239 3.02 -13.26 -16.15
N LYS A 240 4.29 -13.40 -16.52
CA LYS A 240 4.98 -14.69 -16.39
C LYS A 240 5.07 -15.18 -14.94
N LEU A 241 5.56 -14.32 -14.06
CA LEU A 241 5.66 -14.67 -12.64
C LEU A 241 4.31 -15.08 -12.05
N ASN A 242 3.25 -14.36 -12.42
CA ASN A 242 1.91 -14.71 -11.97
C ASN A 242 1.47 -16.09 -12.45
N GLU A 243 1.61 -16.31 -13.75
CA GLU A 243 1.27 -17.59 -14.39
C GLU A 243 2.08 -18.79 -13.87
N GLN A 244 3.28 -18.53 -13.34
CA GLN A 244 4.09 -19.59 -12.73
C GLN A 244 3.72 -19.88 -11.28
N GLY A 245 2.90 -19.00 -10.69
CA GLY A 245 2.54 -19.11 -9.30
C GLY A 245 3.54 -18.45 -8.37
N LEU A 246 4.52 -17.74 -8.92
CA LEU A 246 5.56 -17.14 -8.09
C LEU A 246 5.05 -15.98 -7.25
N LEU A 247 4.07 -15.24 -7.78
CA LEU A 247 3.49 -14.15 -6.99
C LEU A 247 2.75 -14.71 -5.79
N ASP A 248 2.01 -15.81 -5.99
CA ASP A 248 1.31 -16.48 -4.89
C ASP A 248 2.30 -16.97 -3.81
N LYS A 249 3.41 -17.56 -4.22
CA LYS A 249 4.42 -18.03 -3.27
C LYS A 249 4.99 -16.86 -2.48
N LEU A 250 5.23 -15.75 -3.17
CA LEU A 250 5.79 -14.56 -2.54
C LEU A 250 4.85 -14.03 -1.46
N LYS A 251 3.55 -13.95 -1.73
CA LYS A 251 2.64 -13.51 -0.68
C LYS A 251 2.60 -14.48 0.51
N ASN A 252 2.51 -15.77 0.22
CA ASN A 252 2.58 -16.78 1.28
C ASN A 252 3.84 -16.65 2.12
N LYS A 253 4.97 -16.38 1.47
CA LYS A 253 6.23 -16.19 2.18
C LYS A 253 6.13 -15.10 3.23
N TRP A 254 5.65 -13.93 2.82
CA TRP A 254 5.74 -12.75 3.65
C TRP A 254 4.54 -12.56 4.56
N TRP A 255 3.40 -13.13 4.19
CA TRP A 255 2.18 -12.99 4.99
C TRP A 255 1.93 -14.12 6.01
N TYR A 256 1.96 -15.34 5.53
CA TYR A 256 1.47 -16.45 6.35
C TYR A 256 2.56 -17.43 6.82
N ASP A 257 3.56 -17.70 5.99
CA ASP A 257 4.71 -18.49 6.40
C ASP A 257 5.37 -17.91 7.66
N LYS A 258 5.67 -16.61 7.63
CA LYS A 258 6.23 -15.93 8.79
C LYS A 258 5.11 -15.48 9.74
N GLY A 259 4.08 -16.33 9.87
CA GLY A 259 2.88 -16.00 10.62
C GLY A 259 2.96 -16.30 12.10
N GLU A 260 2.67 -15.29 12.91
CA GLU A 260 2.83 -15.39 14.36
C GLU A 260 1.54 -15.72 15.12
N CYS A 261 0.41 -15.60 14.44
CA CYS A 261 -0.88 -15.82 15.08
C CYS A 261 -1.55 -17.10 14.56
N1 4ZK B . -1.65 1.95 -2.15
C4 4ZK B . -0.58 2.61 0.43
C5 4ZK B . -1.51 2.99 1.43
C6 4ZK B . 0.07 1.39 0.51
C7 4ZK B . -0.19 0.54 1.60
C8 4ZK B . -1.10 0.91 2.59
C10 4ZK B . -2.72 2.59 3.58
C13 4ZK B . -4.45 3.46 5.54
O1 4ZK B . -1.49 5.61 -2.74
C1 4ZK B . -1.31 4.39 -2.93
O2 4ZK B . -0.96 3.81 -4.00
C2 4ZK B . -1.52 3.40 -1.74
C3 4ZK B . -0.34 3.53 -0.74
CL1 4ZK B . 0.61 -0.97 1.68
CL2 4ZK B . -1.41 -0.17 3.94
C9 4ZK B . -1.77 2.15 2.54
C11 4ZK B . -2.29 2.68 4.91
C12 4ZK B . -4.03 2.98 3.31
N2 4ZK B . -4.90 3.41 4.26
C14 4ZK B . -3.17 3.11 5.92
O3 4ZK B . -2.72 3.17 7.20
C1 GOL C . -3.86 -11.10 -15.70
O1 GOL C . -4.83 -12.16 -15.80
C2 GOL C . -3.38 -10.99 -14.25
O2 GOL C . -2.14 -11.69 -14.15
C3 GOL C . -3.20 -9.49 -13.93
O3 GOL C . -4.42 -8.82 -14.32
C1 GOL D . 0.56 9.08 -1.22
O1 GOL D . 1.39 9.58 -0.17
C2 GOL D . -0.05 10.20 -2.05
O2 GOL D . 0.98 11.00 -2.62
C3 GOL D . -0.85 9.58 -3.19
O3 GOL D . -2.20 9.26 -2.85
C1 GOL E . 1.76 5.61 5.95
O1 GOL E . 1.95 5.33 7.35
C2 GOL E . 1.79 4.30 5.16
O2 GOL E . 1.32 3.21 5.96
C3 GOL E . 0.91 4.40 3.92
O3 GOL E . 1.06 5.70 3.34
S SO4 F . -9.91 17.91 4.51
O1 SO4 F . -9.90 19.36 4.57
O2 SO4 F . -10.55 17.47 3.26
O3 SO4 F . -8.53 17.41 4.56
O4 SO4 F . -10.64 17.34 5.66
S SO4 G . -6.69 -4.36 26.56
O1 SO4 G . -5.52 -4.31 25.69
O2 SO4 G . -7.51 -3.16 26.40
O3 SO4 G . -7.48 -5.55 26.21
O4 SO4 G . -6.25 -4.44 27.95
S SO4 H . -17.55 11.43 -9.88
O1 SO4 H . -16.21 11.21 -10.44
O2 SO4 H . -18.18 12.56 -10.56
O3 SO4 H . -18.38 10.24 -10.07
O4 SO4 H . -17.42 11.70 -8.44
S SO4 I . -11.38 -4.21 26.31
O1 SO4 I . -10.90 -2.95 26.88
O2 SO4 I . -11.77 -4.03 24.90
O3 SO4 I . -12.52 -4.69 27.08
O4 SO4 I . -10.29 -5.19 26.41
S SO4 J . -0.49 12.69 0.52
O1 SO4 J . -0.03 13.07 -0.81
O2 SO4 J . 0.19 13.50 1.53
O3 SO4 J . -0.19 11.28 0.80
O4 SO4 J . -1.94 12.93 0.59
S SO4 K . -25.44 4.15 -3.75
O1 SO4 K . -25.20 5.49 -3.23
O2 SO4 K . -24.96 4.07 -5.14
O3 SO4 K . -26.88 3.87 -3.70
O4 SO4 K . -24.76 3.17 -2.92
C ACT L . -6.21 -14.32 14.63
O ACT L . -5.38 -13.79 15.40
OXT ACT L . -7.26 -14.74 15.15
CH3 ACT L . -5.96 -14.45 13.15
#